data_6T03
#
_entry.id   6T03
#
_cell.length_a   39.854
_cell.length_b   103.672
_cell.length_c   42.555
_cell.angle_alpha   90.000
_cell.angle_beta   105.727
_cell.angle_gamma   90.000
#
_symmetry.space_group_name_H-M   'P 1 21 1'
#
loop_
_entity.id
_entity.type
_entity.pdbx_description
1 polymer YTHDC1
2 non-polymer 'SULFATE ION'
3 non-polymer 1,3-dihydroimidazole-2-thione
4 water water
#
_entity_poly.entity_id   1
_entity_poly.type   'polypeptide(L)'
_entity_poly.pdbx_seq_one_letter_code
;MHHHHHHSSGRENLYFQGTSKLKYVLQDARFFLIKSNNHENVSLAKAKGVWSTLPVNEKKLNLAFRSARSVILIFSVRES
GKFQGFARLSSESHHGGSPIHWVLPAGMSAKMLGGVFKIDWICRRELPFTKSAHLTNPWNEHKPVKIGRDGQEIELECGT
QLCLLFPPDESIDLYQVIHKMRH
;
_entity_poly.pdbx_strand_id   A,B
#
loop_
_chem_comp.id
_chem_comp.type
_chem_comp.name
_chem_comp.formula
MZY non-polymer 1,3-dihydroimidazole-2-thione 'C3 H4 N2 S'
SO4 non-polymer 'SULFATE ION' 'O4 S -2'
#
# COMPACT_ATOMS: atom_id res chain seq x y z
N GLY A 18 -10.11 12.43 21.73
CA GLY A 18 -10.75 11.51 20.79
C GLY A 18 -10.37 11.78 19.35
N THR A 19 -11.01 11.06 18.43
CA THR A 19 -10.71 11.15 17.00
C THR A 19 -11.84 11.77 16.20
N SER A 20 -12.91 12.23 16.87
CA SER A 20 -14.11 12.61 16.12
C SER A 20 -13.93 13.94 15.40
N LYS A 21 -13.35 14.95 16.06
CA LYS A 21 -13.12 16.22 15.36
C LYS A 21 -12.09 16.04 14.25
N LEU A 22 -11.10 15.17 14.45
CA LEU A 22 -10.14 14.89 13.38
C LEU A 22 -10.82 14.28 12.16
N LYS A 23 -11.67 13.27 12.38
CA LYS A 23 -12.42 12.71 11.26
C LYS A 23 -13.28 13.75 10.56
N TYR A 24 -13.85 14.70 11.29
CA TYR A 24 -14.65 15.75 10.68
C TYR A 24 -13.81 16.63 9.77
N VAL A 25 -12.61 17.01 10.22
CA VAL A 25 -11.73 17.85 9.41
C VAL A 25 -11.30 17.11 8.14
N LEU A 26 -11.10 15.79 8.24
CA LEU A 26 -10.61 15.00 7.11
C LEU A 26 -11.71 14.58 6.13
N GLN A 27 -12.98 14.76 6.48
CA GLN A 27 -14.06 14.34 5.60
C GLN A 27 -13.96 15.04 4.26
N ASP A 28 -13.86 14.26 3.18
CA ASP A 28 -13.83 14.76 1.82
C ASP A 28 -12.63 15.68 1.56
N ALA A 29 -11.55 15.48 2.31
CA ALA A 29 -10.35 16.27 2.15
C ALA A 29 -9.52 15.76 0.97
N ARG A 30 -8.59 16.59 0.52
CA ARG A 30 -7.52 16.16 -0.36
C ARG A 30 -6.21 16.15 0.41
N PHE A 31 -5.30 15.27 -0.03
CA PHE A 31 -4.05 14.98 0.68
C PHE A 31 -2.87 15.06 -0.28
N PHE A 32 -1.77 15.67 0.16
CA PHE A 32 -0.56 15.75 -0.64
C PHE A 32 0.67 15.40 0.20
N LEU A 33 1.55 14.60 -0.39
CA LEU A 33 2.83 14.22 0.22
C LEU A 33 3.84 15.34 0.01
N ILE A 34 4.44 15.82 1.09
CA ILE A 34 5.48 16.84 1.04
C ILE A 34 6.79 16.19 1.46
N LYS A 35 7.80 16.23 0.59
CA LYS A 35 9.10 15.66 0.89
C LYS A 35 10.10 16.79 1.11
N SER A 36 10.65 16.88 2.31
CA SER A 36 11.64 17.89 2.68
C SER A 36 13.02 17.28 2.65
N ASN A 37 14.00 18.05 2.15
CA ASN A 37 15.37 17.57 2.11
C ASN A 37 16.02 17.52 3.49
N ASN A 38 15.48 18.24 4.48
CA ASN A 38 16.13 18.30 5.77
C ASN A 38 15.11 18.57 6.87
N HIS A 39 15.52 18.33 8.11
CA HIS A 39 14.66 18.56 9.27
C HIS A 39 14.47 20.04 9.56
N GLU A 40 15.46 20.87 9.23
CA GLU A 40 15.39 22.29 9.57
C GLU A 40 14.16 22.93 8.92
N ASN A 41 13.84 22.57 7.68
CA ASN A 41 12.71 23.21 7.03
C ASN A 41 11.38 22.78 7.64
N VAL A 42 11.27 21.52 8.09
CA VAL A 42 10.03 21.11 8.74
C VAL A 42 9.90 21.78 10.11
N SER A 43 11.03 21.95 10.81
CA SER A 43 10.99 22.64 12.10
C SER A 43 10.55 24.10 11.92
N LEU A 44 11.04 24.77 10.88
CA LEU A 44 10.58 26.12 10.57
C LEU A 44 9.08 26.15 10.28
N ALA A 45 8.60 25.21 9.49
CA ALA A 45 7.17 25.14 9.16
C ALA A 45 6.32 24.91 10.40
N LYS A 46 6.82 24.10 11.33
CA LYS A 46 6.10 23.83 12.58
C LYS A 46 6.07 25.06 13.48
N ALA A 47 7.16 25.83 13.49
CA ALA A 47 7.24 27.01 14.36
C ALA A 47 6.44 28.18 13.81
N LYS A 48 6.46 28.35 12.48
CA LYS A 48 5.91 29.56 11.86
C LYS A 48 4.57 29.33 11.19
N GLY A 49 4.15 28.08 11.01
CA GLY A 49 2.86 27.84 10.37
C GLY A 49 2.83 28.19 8.90
N VAL A 50 3.86 27.82 8.15
CA VAL A 50 3.99 28.23 6.76
C VAL A 50 4.64 27.11 5.98
N TRP A 51 4.37 27.06 4.67
CA TRP A 51 5.12 26.20 3.77
C TRP A 51 5.22 26.90 2.42
N SER A 52 6.30 26.63 1.71
CA SER A 52 6.48 27.09 0.34
C SER A 52 6.99 25.92 -0.48
N THR A 53 6.64 25.91 -1.77
CA THR A 53 7.02 24.80 -2.63
C THR A 53 7.34 25.34 -4.02
N LEU A 54 7.84 24.47 -4.88
CA LEU A 54 8.15 24.87 -6.24
C LEU A 54 6.88 25.22 -7.01
N PRO A 55 6.98 26.10 -8.00
CA PRO A 55 5.76 26.57 -8.70
C PRO A 55 4.88 25.47 -9.28
N VAL A 56 5.44 24.35 -9.77
CA VAL A 56 4.60 23.29 -10.32
C VAL A 56 3.65 22.75 -9.25
N ASN A 57 4.13 22.64 -8.01
CA ASN A 57 3.29 22.17 -6.93
C ASN A 57 2.43 23.27 -6.34
N GLU A 58 2.94 24.51 -6.35
CA GLU A 58 2.15 25.64 -5.88
C GLU A 58 0.84 25.73 -6.65
N LYS A 59 0.92 25.62 -7.98
CA LYS A 59 -0.28 25.69 -8.80
C LYS A 59 -1.27 24.57 -8.46
N LYS A 60 -0.77 23.36 -8.21
CA LYS A 60 -1.67 22.26 -7.85
C LYS A 60 -2.32 22.49 -6.49
N LEU A 61 -1.55 22.99 -5.51
CA LEU A 61 -2.13 23.21 -4.19
C LEU A 61 -3.16 24.34 -4.19
N ASN A 62 -2.92 25.41 -4.97
CA ASN A 62 -3.89 26.49 -5.06
C ASN A 62 -5.19 26.00 -5.70
N LEU A 63 -5.10 25.19 -6.76
CA LEU A 63 -6.30 24.58 -7.35
C LEU A 63 -7.03 23.72 -6.33
N ALA A 64 -6.29 22.92 -5.57
CA ALA A 64 -6.91 22.04 -4.59
C ALA A 64 -7.58 22.83 -3.48
N PHE A 65 -6.94 23.93 -3.03
CA PHE A 65 -7.49 24.73 -1.94
C PHE A 65 -8.87 25.28 -2.30
N ARG A 66 -9.07 25.66 -3.56
CA ARG A 66 -10.36 26.16 -4.00
C ARG A 66 -11.40 25.05 -4.13
N SER A 67 -10.95 23.80 -4.27
CA SER A 67 -11.79 22.69 -4.67
C SER A 67 -12.30 21.83 -3.53
N ALA A 68 -11.72 21.94 -2.34
CA ALA A 68 -12.02 20.98 -1.29
C ALA A 68 -12.16 21.68 0.05
N ARG A 69 -12.91 21.05 0.95
CA ARG A 69 -13.16 21.62 2.27
C ARG A 69 -11.88 21.70 3.10
N SER A 70 -10.95 20.76 2.90
CA SER A 70 -9.66 20.73 3.59
C SER A 70 -8.63 20.19 2.63
N VAL A 71 -7.45 20.81 2.61
CA VAL A 71 -6.29 20.30 1.88
C VAL A 71 -5.22 20.01 2.91
N ILE A 72 -4.78 18.76 2.98
CA ILE A 72 -3.88 18.27 4.03
C ILE A 72 -2.50 18.01 3.41
N LEU A 73 -1.46 18.56 4.03
CA LEU A 73 -0.07 18.29 3.67
C LEU A 73 0.49 17.30 4.68
N ILE A 74 1.03 16.19 4.20
CA ILE A 74 1.66 15.18 5.07
C ILE A 74 3.16 15.23 4.80
N PHE A 75 3.95 15.50 5.85
CA PHE A 75 5.37 15.83 5.69
C PHE A 75 6.27 14.62 5.96
N SER A 76 7.30 14.47 5.14
CA SER A 76 8.34 13.48 5.39
C SER A 76 9.71 14.03 5.00
N VAL A 77 10.66 13.94 5.93
CA VAL A 77 12.05 14.33 5.69
C VAL A 77 12.77 13.17 5.02
N ARG A 78 13.42 13.47 3.88
CA ARG A 78 14.13 12.45 3.11
C ARG A 78 15.15 11.72 3.97
N GLU A 79 15.19 10.41 3.83
CA GLU A 79 16.08 9.47 4.52
C GLU A 79 15.75 9.29 6.01
N SER A 80 14.72 9.95 6.53
CA SER A 80 14.40 9.81 7.95
C SER A 80 13.64 8.53 8.26
N GLY A 81 13.00 7.90 7.27
CA GLY A 81 12.19 6.73 7.50
C GLY A 81 10.87 6.98 8.20
N LYS A 82 10.43 8.24 8.26
CA LYS A 82 9.25 8.61 9.04
C LYS A 82 8.53 9.74 8.34
N PHE A 83 7.25 9.91 8.69
CA PHE A 83 6.53 11.16 8.52
C PHE A 83 6.68 12.01 9.78
N GLN A 84 6.74 13.34 9.62
CA GLN A 84 6.94 14.21 10.78
C GLN A 84 5.67 14.93 11.23
N GLY A 85 4.53 14.71 10.58
CA GLY A 85 3.28 15.31 10.99
C GLY A 85 2.45 15.67 9.78
N PHE A 86 1.30 16.33 10.03
CA PHE A 86 0.48 16.82 8.93
C PHE A 86 -0.25 18.09 9.34
N ALA A 87 -0.64 18.88 8.33
CA ALA A 87 -1.17 20.22 8.51
C ALA A 87 -2.22 20.49 7.45
N ARG A 88 -3.10 21.46 7.72
CA ARG A 88 -4.15 21.86 6.78
C ARG A 88 -3.86 23.24 6.21
N LEU A 89 -3.95 23.39 4.88
CA LEU A 89 -3.84 24.72 4.28
C LEU A 89 -4.92 25.65 4.81
N SER A 90 -4.52 26.85 5.24
CA SER A 90 -5.50 27.86 5.60
C SER A 90 -5.60 29.00 4.59
N SER A 91 -4.74 29.01 3.57
CA SER A 91 -4.79 30.04 2.54
C SER A 91 -4.21 29.49 1.24
N GLU A 92 -4.54 30.15 0.14
CA GLU A 92 -3.75 30.02 -1.07
C GLU A 92 -2.38 30.66 -0.84
N SER A 93 -1.46 30.45 -1.78
CA SER A 93 -0.14 31.04 -1.63
C SER A 93 -0.17 32.55 -1.85
N HIS A 94 0.68 33.26 -1.13
CA HIS A 94 0.85 34.70 -1.29
C HIS A 94 2.33 35.07 -1.25
N HIS A 95 2.63 36.21 -1.85
CA HIS A 95 3.98 36.73 -1.92
C HIS A 95 4.08 38.00 -1.10
N GLY A 96 5.32 38.32 -0.69
CA GLY A 96 5.58 39.61 -0.07
C GLY A 96 5.34 39.70 1.42
N GLY A 97 5.32 38.57 2.12
CA GLY A 97 5.25 38.57 3.58
C GLY A 97 6.64 38.58 4.20
N SER A 98 6.70 38.16 5.45
CA SER A 98 7.98 38.05 6.13
C SER A 98 8.83 36.97 5.46
N PRO A 99 10.09 37.26 5.11
CA PRO A 99 10.90 36.27 4.40
C PRO A 99 11.29 35.11 5.29
N ILE A 100 11.29 33.90 4.73
CA ILE A 100 11.56 32.67 5.45
C ILE A 100 12.92 32.15 5.04
N HIS A 101 13.78 31.90 6.02
CA HIS A 101 15.15 31.49 5.77
C HIS A 101 15.25 29.97 5.67
N TRP A 102 14.58 29.43 4.66
CA TRP A 102 14.68 28.02 4.35
C TRP A 102 16.14 27.64 4.12
N VAL A 103 16.46 26.39 4.42
CA VAL A 103 17.72 25.79 3.98
C VAL A 103 17.48 25.26 2.57
N LEU A 104 18.09 25.91 1.57
CA LEU A 104 17.75 25.45 0.23
C LEU A 104 18.80 24.48 -0.26
N PRO A 105 18.41 23.40 -0.96
CA PRO A 105 19.41 22.36 -1.24
C PRO A 105 20.18 22.57 -2.53
N SER A 109 19.09 30.60 -4.39
CA SER A 109 18.16 29.53 -4.72
C SER A 109 16.76 29.79 -4.17
N ALA A 110 16.62 30.82 -3.34
CA ALA A 110 15.31 31.14 -2.78
C ALA A 110 14.37 31.72 -3.82
N LYS A 111 14.91 32.33 -4.88
CA LYS A 111 14.08 32.84 -5.96
C LYS A 111 13.36 31.74 -6.72
N MET A 112 13.77 30.48 -6.56
CA MET A 112 13.15 29.38 -7.28
C MET A 112 11.84 28.91 -6.66
N LEU A 113 11.54 29.33 -5.43
CA LEU A 113 10.30 28.93 -4.78
C LEU A 113 9.15 29.83 -5.21
N GLY A 114 7.93 29.30 -5.05
CA GLY A 114 6.73 30.08 -5.23
C GLY A 114 6.39 30.85 -3.97
N GLY A 115 5.11 31.16 -3.82
CA GLY A 115 4.62 31.92 -2.70
C GLY A 115 4.58 31.10 -1.41
N VAL A 116 4.01 31.70 -0.39
CA VAL A 116 3.94 31.12 0.94
C VAL A 116 2.50 30.76 1.24
N PHE A 117 2.27 29.50 1.65
CA PHE A 117 0.98 29.05 2.16
C PHE A 117 0.97 29.14 3.68
N LYS A 118 -0.12 29.65 4.24
CA LYS A 118 -0.32 29.51 5.69
C LYS A 118 -0.95 28.15 5.97
N ILE A 119 -0.48 27.50 7.04
CA ILE A 119 -0.96 26.17 7.42
C ILE A 119 -1.22 26.12 8.91
N ASP A 120 -2.18 25.28 9.29
CA ASP A 120 -2.51 24.97 10.68
C ASP A 120 -2.13 23.52 10.92
N TRP A 121 -1.22 23.29 11.86
CA TRP A 121 -0.81 21.93 12.16
C TRP A 121 -1.96 21.17 12.82
N ILE A 122 -2.13 19.92 12.40
CA ILE A 122 -3.09 19.03 13.01
C ILE A 122 -2.40 17.98 13.88
N CYS A 123 -1.17 17.61 13.54
CA CYS A 123 -0.39 16.67 14.33
C CYS A 123 1.08 16.99 14.11
N ARG A 124 1.82 17.24 15.18
CA ARG A 124 3.25 17.47 15.07
C ARG A 124 4.08 16.26 15.49
N ARG A 125 3.46 15.11 15.69
CA ARG A 125 4.16 13.90 16.09
C ARG A 125 4.56 13.08 14.86
N GLU A 126 5.61 12.26 15.01
CA GLU A 126 6.15 11.43 13.94
C GLU A 126 5.41 10.10 13.82
N LEU A 127 5.47 9.53 12.62
CA LEU A 127 4.96 8.19 12.35
C LEU A 127 5.99 7.44 11.50
N PRO A 128 6.54 6.33 11.98
CA PRO A 128 7.51 5.57 11.18
C PRO A 128 6.85 4.87 9.99
N PHE A 129 7.60 4.78 8.89
CA PHE A 129 7.09 4.11 7.68
C PHE A 129 6.70 2.66 7.95
N THR A 130 7.34 2.00 8.92
CA THR A 130 6.98 0.62 9.21
C THR A 130 5.52 0.47 9.63
N LYS A 131 4.89 1.52 10.15
CA LYS A 131 3.49 1.46 10.53
C LYS A 131 2.52 1.74 9.39
N SER A 132 3.00 2.25 8.25
CA SER A 132 2.12 2.55 7.13
C SER A 132 2.31 1.57 5.96
N ALA A 133 2.97 0.44 6.21
CA ALA A 133 3.28 -0.53 5.16
C ALA A 133 2.05 -1.17 4.54
N HIS A 134 0.90 -1.13 5.21
CA HIS A 134 -0.33 -1.72 4.68
C HIS A 134 -1.14 -0.74 3.83
N LEU A 135 -0.67 0.48 3.63
CA LEU A 135 -1.39 1.50 2.88
C LEU A 135 -0.72 1.74 1.54
N THR A 136 -1.50 1.62 0.45
CA THR A 136 -1.02 1.87 -0.90
C THR A 136 -1.80 3.02 -1.50
N ASN A 137 -1.13 3.78 -2.36
CA ASN A 137 -1.71 4.97 -2.98
C ASN A 137 -2.11 4.68 -4.43
N PRO A 138 -3.40 4.59 -4.75
CA PRO A 138 -3.82 4.36 -6.15
C PRO A 138 -3.32 5.39 -7.13
N TRP A 139 -3.07 6.63 -6.68
CA TRP A 139 -2.61 7.66 -7.59
C TRP A 139 -1.11 7.62 -7.85
N ASN A 140 -0.39 6.69 -7.20
CA ASN A 140 1.00 6.39 -7.52
C ASN A 140 1.19 4.89 -7.71
N GLU A 141 0.40 4.31 -8.61
CA GLU A 141 0.54 2.92 -9.05
C GLU A 141 0.42 1.91 -7.90
N HIS A 142 -0.29 2.29 -6.83
CA HIS A 142 -0.50 1.45 -5.65
C HIS A 142 0.80 1.10 -4.96
N LYS A 143 1.82 1.93 -5.11
CA LYS A 143 3.02 1.82 -4.31
C LYS A 143 2.71 2.21 -2.87
N PRO A 144 3.48 1.70 -1.90
CA PRO A 144 3.29 2.12 -0.50
C PRO A 144 3.25 3.63 -0.40
N VAL A 145 2.39 4.14 0.49
CA VAL A 145 2.14 5.57 0.54
C VAL A 145 3.38 6.40 0.89
N LYS A 146 4.35 5.79 1.57
CA LYS A 146 5.63 6.47 1.84
C LYS A 146 6.38 6.83 0.55
N ILE A 147 6.10 6.14 -0.56
CA ILE A 147 6.81 6.37 -1.80
C ILE A 147 6.09 7.46 -2.59
N GLY A 148 6.84 8.47 -3.01
CA GLY A 148 6.26 9.50 -3.85
C GLY A 148 7.14 10.73 -3.95
N ARG A 149 7.02 11.43 -5.07
CA ARG A 149 7.70 12.69 -5.25
C ARG A 149 7.07 13.76 -4.37
N ASP A 150 7.84 14.80 -4.10
CA ASP A 150 7.32 16.00 -3.45
C ASP A 150 6.11 16.50 -4.22
N GLY A 151 4.96 16.57 -3.55
CA GLY A 151 3.73 17.02 -4.16
C GLY A 151 2.79 15.92 -4.64
N GLN A 152 3.18 14.65 -4.53
CA GLN A 152 2.30 13.56 -4.98
C GLN A 152 0.97 13.59 -4.25
N GLU A 153 -0.14 13.59 -5.00
CA GLU A 153 -1.44 13.52 -4.33
C GLU A 153 -1.69 12.10 -3.80
N ILE A 154 -2.34 12.03 -2.64
CA ILE A 154 -2.70 10.75 -2.02
C ILE A 154 -4.21 10.63 -2.07
N GLU A 155 -4.71 9.51 -2.64
CA GLU A 155 -6.14 9.27 -2.75
C GLU A 155 -6.82 9.31 -1.38
N LEU A 156 -8.10 9.74 -1.38
CA LEU A 156 -8.86 10.03 -0.15
C LEU A 156 -8.79 8.94 0.92
N GLU A 157 -9.08 7.69 0.56
CA GLU A 157 -9.15 6.66 1.59
C GLU A 157 -7.76 6.36 2.18
N CYS A 158 -6.75 6.22 1.31
CA CYS A 158 -5.38 6.06 1.76
C CYS A 158 -4.95 7.22 2.66
N GLY A 159 -5.27 8.45 2.24
CA GLY A 159 -4.84 9.61 3.01
C GLY A 159 -5.51 9.71 4.36
N THR A 160 -6.81 9.39 4.40
CA THR A 160 -7.54 9.39 5.67
C THR A 160 -6.97 8.35 6.63
N GLN A 161 -6.76 7.12 6.14
CA GLN A 161 -6.21 6.08 7.02
C GLN A 161 -4.79 6.42 7.47
N LEU A 162 -3.99 7.04 6.61
CA LEU A 162 -2.64 7.42 7.01
C LEU A 162 -2.69 8.43 8.14
N CYS A 163 -3.53 9.45 8.01
CA CYS A 163 -3.60 10.47 9.06
C CYS A 163 -4.10 9.88 10.38
N LEU A 164 -5.02 8.92 10.32
CA LEU A 164 -5.53 8.30 11.54
C LEU A 164 -4.52 7.39 12.23
N LEU A 165 -3.42 7.02 11.55
CA LEU A 165 -2.37 6.21 12.15
C LEU A 165 -1.44 7.01 13.07
N PHE A 166 -1.34 8.32 12.87
CA PHE A 166 -0.43 9.11 13.69
C PHE A 166 -0.85 9.05 15.15
N PRO A 167 0.10 9.11 16.09
CA PRO A 167 -0.27 9.27 17.49
C PRO A 167 -1.04 10.57 17.68
N PRO A 168 -2.06 10.57 18.54
CA PRO A 168 -2.79 11.81 18.80
C PRO A 168 -1.87 12.89 19.34
N ASP A 169 -2.08 14.13 18.88
CA ASP A 169 -1.32 15.28 19.35
C ASP A 169 -2.22 16.07 20.29
N GLU A 170 -2.06 15.83 21.59
CA GLU A 170 -2.94 16.41 22.58
C GLU A 170 -2.63 17.87 22.85
N SER A 171 -1.62 18.45 22.22
CA SER A 171 -1.37 19.88 22.31
C SER A 171 -2.23 20.70 21.35
N ILE A 172 -2.94 20.07 20.41
CA ILE A 172 -3.67 20.80 19.37
C ILE A 172 -5.16 20.68 19.61
N ASP A 173 -5.87 21.81 19.43
CA ASP A 173 -7.32 21.88 19.57
C ASP A 173 -7.89 22.19 18.17
N LEU A 174 -8.65 21.23 17.60
CA LEU A 174 -9.18 21.41 16.25
C LEU A 174 -10.43 22.29 16.18
N TYR A 175 -10.91 22.81 17.31
CA TYR A 175 -12.07 23.70 17.31
C TYR A 175 -11.87 24.89 16.37
N GLN A 176 -10.70 25.56 16.45
CA GLN A 176 -10.49 26.73 15.60
C GLN A 176 -10.32 26.38 14.13
N VAL A 177 -9.79 25.19 13.83
CA VAL A 177 -9.66 24.78 12.43
C VAL A 177 -11.01 24.47 11.82
N ILE A 178 -11.92 23.85 12.59
CA ILE A 178 -13.26 23.58 12.09
C ILE A 178 -13.95 24.88 11.70
N HIS A 179 -13.73 25.95 12.46
CA HIS A 179 -14.35 27.24 12.17
C HIS A 179 -13.83 27.85 10.87
N LYS A 180 -12.63 27.49 10.42
CA LYS A 180 -12.11 28.00 9.16
C LYS A 180 -12.67 27.28 7.95
N MET A 181 -13.37 26.17 8.15
CA MET A 181 -13.87 25.38 7.03
C MET A 181 -15.11 26.01 6.40
N GLY B 18 14.88 -21.65 11.07
CA GLY B 18 14.77 -22.93 10.40
C GLY B 18 13.42 -23.10 9.74
N THR B 19 13.19 -24.27 9.14
CA THR B 19 12.05 -24.47 8.26
C THR B 19 10.93 -25.32 8.88
N SER B 20 11.01 -25.62 10.18
CA SER B 20 10.01 -26.49 10.80
C SER B 20 8.61 -25.88 10.71
N LYS B 21 8.49 -24.59 11.01
CA LYS B 21 7.18 -23.93 10.99
C LYS B 21 6.58 -23.97 9.59
N LEU B 22 7.35 -23.55 8.59
CA LEU B 22 6.79 -23.51 7.24
C LEU B 22 6.44 -24.90 6.75
N LYS B 23 7.27 -25.90 7.06
CA LYS B 23 6.94 -27.25 6.64
C LYS B 23 5.65 -27.74 7.28
N TYR B 24 5.38 -27.34 8.53
CA TYR B 24 4.11 -27.69 9.16
C TYR B 24 2.94 -27.04 8.42
N VAL B 25 3.08 -25.78 8.04
CA VAL B 25 2.00 -25.10 7.33
C VAL B 25 1.70 -25.80 6.00
N LEU B 26 2.75 -26.31 5.34
CA LEU B 26 2.62 -26.87 4.00
C LEU B 26 2.34 -28.37 3.97
N GLN B 27 2.26 -29.05 5.10
CA GLN B 27 1.93 -30.47 5.08
C GLN B 27 0.49 -30.60 4.61
N ASP B 28 0.24 -31.44 3.61
CA ASP B 28 -1.11 -31.53 3.04
C ASP B 28 -1.64 -30.17 2.58
N ALA B 29 -0.88 -29.53 1.72
CA ALA B 29 -1.32 -28.29 1.09
C ALA B 29 -1.61 -28.55 -0.37
N ARG B 30 -2.47 -27.70 -0.93
CA ARG B 30 -2.61 -27.59 -2.38
C ARG B 30 -2.03 -26.24 -2.81
N PHE B 31 -1.50 -26.21 -4.03
CA PHE B 31 -0.72 -25.08 -4.54
C PHE B 31 -1.25 -24.65 -5.90
N PHE B 32 -1.44 -23.34 -6.10
CA PHE B 32 -1.89 -22.82 -7.38
C PHE B 32 -1.02 -21.64 -7.83
N LEU B 33 -0.61 -21.68 -9.10
CA LEU B 33 0.07 -20.56 -9.73
C LEU B 33 -0.92 -19.45 -10.06
N ILE B 34 -0.57 -18.22 -9.69
CA ILE B 34 -1.37 -17.04 -10.00
C ILE B 34 -0.53 -16.16 -10.92
N LYS B 35 -1.03 -15.91 -12.12
CA LYS B 35 -0.31 -15.05 -13.07
C LYS B 35 -1.06 -13.75 -13.21
N SER B 36 -0.38 -12.65 -12.89
CA SER B 36 -0.94 -11.30 -12.96
C SER B 36 -0.31 -10.56 -14.13
N ASN B 37 -1.10 -9.73 -14.81
CA ASN B 37 -0.53 -8.92 -15.89
C ASN B 37 -0.15 -7.52 -15.41
N ASN B 38 -0.19 -7.27 -14.10
CA ASN B 38 -0.07 -5.92 -13.56
C ASN B 38 0.56 -5.98 -12.18
N HIS B 39 1.79 -5.45 -12.05
CA HIS B 39 2.42 -5.30 -10.74
C HIS B 39 1.52 -4.56 -9.75
N GLU B 40 0.72 -3.59 -10.23
CA GLU B 40 -0.07 -2.77 -9.30
C GLU B 40 -1.06 -3.63 -8.52
N ASN B 41 -1.69 -4.61 -9.18
CA ASN B 41 -2.66 -5.44 -8.46
C ASN B 41 -1.99 -6.35 -7.45
N VAL B 42 -0.75 -6.79 -7.72
CA VAL B 42 -0.01 -7.55 -6.71
C VAL B 42 0.35 -6.65 -5.53
N SER B 43 0.76 -5.41 -5.77
CA SER B 43 1.05 -4.50 -4.68
CA SER B 43 1.05 -4.49 -4.68
C SER B 43 -0.18 -4.27 -3.81
N LEU B 44 -1.34 -4.06 -4.43
CA LEU B 44 -2.58 -3.90 -3.69
C LEU B 44 -2.88 -5.13 -2.86
N ALA B 45 -2.74 -6.32 -3.46
CA ALA B 45 -3.05 -7.58 -2.78
C ALA B 45 -2.11 -7.83 -1.61
N LYS B 46 -0.82 -7.51 -1.78
CA LYS B 46 0.16 -7.67 -0.71
C LYS B 46 -0.18 -6.81 0.50
N ALA B 47 -0.67 -5.59 0.29
CA ALA B 47 -0.93 -4.71 1.42
C ALA B 47 -2.26 -5.02 2.10
N LYS B 48 -3.28 -5.40 1.33
CA LYS B 48 -4.63 -5.56 1.83
C LYS B 48 -4.96 -7.01 2.20
N GLY B 49 -4.17 -7.97 1.73
CA GLY B 49 -4.43 -9.37 2.07
C GLY B 49 -5.65 -9.95 1.38
N VAL B 50 -5.80 -9.71 0.07
CA VAL B 50 -6.98 -10.13 -0.69
C VAL B 50 -6.55 -10.56 -2.08
N TRP B 51 -7.36 -11.43 -2.69
CA TRP B 51 -7.21 -11.76 -4.10
C TRP B 51 -8.58 -12.06 -4.69
N SER B 52 -8.70 -11.82 -5.99
CA SER B 52 -9.89 -12.18 -6.77
CA SER B 52 -9.89 -12.19 -6.76
C SER B 52 -9.43 -12.78 -8.09
N THR B 53 -10.23 -13.68 -8.65
CA THR B 53 -9.83 -14.29 -9.91
C THR B 53 -11.07 -14.56 -10.75
N LEU B 54 -10.85 -15.03 -11.99
CA LEU B 54 -11.95 -15.31 -12.91
C LEU B 54 -12.75 -16.52 -12.42
N PRO B 55 -14.00 -16.67 -12.90
CA PRO B 55 -14.89 -17.69 -12.32
C PRO B 55 -14.34 -19.12 -12.35
N VAL B 56 -13.69 -19.53 -13.44
CA VAL B 56 -13.16 -20.90 -13.51
C VAL B 56 -12.21 -21.16 -12.36
N ASN B 57 -11.31 -20.22 -12.10
CA ASN B 57 -10.35 -20.42 -11.04
C ASN B 57 -10.96 -20.20 -9.66
N GLU B 58 -11.95 -19.30 -9.55
CA GLU B 58 -12.62 -19.10 -8.27
C GLU B 58 -13.25 -20.40 -7.78
N LYS B 59 -13.92 -21.13 -8.68
CA LYS B 59 -14.51 -22.41 -8.33
C LYS B 59 -13.45 -23.42 -7.86
N LYS B 60 -12.35 -23.52 -8.60
CA LYS B 60 -11.26 -24.43 -8.22
C LYS B 60 -10.73 -24.11 -6.82
N LEU B 61 -10.51 -22.82 -6.54
CA LEU B 61 -9.93 -22.45 -5.25
C LEU B 61 -10.90 -22.70 -4.10
N ASN B 62 -12.21 -22.49 -4.34
CA ASN B 62 -13.18 -22.75 -3.28
C ASN B 62 -13.25 -24.24 -2.97
N LEU B 63 -13.26 -25.10 -4.00
CA LEU B 63 -13.20 -26.54 -3.76
C LEU B 63 -11.91 -26.93 -3.03
N ALA B 64 -10.79 -26.31 -3.42
CA ALA B 64 -9.53 -26.66 -2.77
C ALA B 64 -9.54 -26.26 -1.31
N PHE B 65 -10.11 -25.09 -1.00
CA PHE B 65 -10.14 -24.62 0.38
C PHE B 65 -10.83 -25.61 1.31
N ARG B 66 -11.83 -26.32 0.81
CA ARG B 66 -12.56 -27.30 1.61
C ARG B 66 -11.92 -28.68 1.60
N SER B 67 -10.89 -28.92 0.79
CA SER B 67 -10.32 -30.25 0.63
C SER B 67 -8.93 -30.40 1.21
N ALA B 68 -8.27 -29.32 1.62
CA ALA B 68 -6.89 -29.37 2.06
C ALA B 68 -6.73 -28.47 3.27
N ARG B 69 -5.77 -28.81 4.13
CA ARG B 69 -5.52 -28.02 5.32
C ARG B 69 -5.01 -26.62 4.99
N SER B 70 -4.29 -26.47 3.88
CA SER B 70 -3.78 -25.18 3.43
C SER B 70 -3.89 -25.10 1.93
N VAL B 71 -4.33 -23.95 1.42
CA VAL B 71 -4.30 -23.66 -0.02
C VAL B 71 -3.37 -22.48 -0.24
N ILE B 72 -2.34 -22.69 -1.05
CA ILE B 72 -1.26 -21.73 -1.27
C ILE B 72 -1.36 -21.16 -2.67
N LEU B 73 -1.30 -19.84 -2.78
CA LEU B 73 -1.23 -19.14 -4.05
C LEU B 73 0.19 -18.64 -4.23
N ILE B 74 0.82 -18.97 -5.36
CA ILE B 74 2.20 -18.55 -5.65
C ILE B 74 2.12 -17.58 -6.82
N PHE B 75 2.55 -16.34 -6.61
CA PHE B 75 2.31 -15.24 -7.55
C PHE B 75 3.46 -15.00 -8.51
N SER B 76 3.14 -14.76 -9.78
CA SER B 76 4.13 -14.34 -10.77
C SER B 76 3.52 -13.33 -11.74
N VAL B 77 4.14 -12.16 -11.83
CA VAL B 77 3.71 -11.14 -12.78
C VAL B 77 4.27 -11.47 -14.15
N ARG B 78 3.42 -11.47 -15.16
CA ARG B 78 3.83 -11.82 -16.52
C ARG B 78 5.00 -10.95 -16.98
N GLU B 79 5.97 -11.60 -17.63
CA GLU B 79 7.16 -11.01 -18.22
C GLU B 79 8.16 -10.51 -17.19
N SER B 80 7.95 -10.78 -15.90
CA SER B 80 8.88 -10.30 -14.89
C SER B 80 10.07 -11.23 -14.69
N GLY B 81 9.95 -12.49 -15.12
CA GLY B 81 11.01 -13.46 -14.88
C GLY B 81 11.15 -13.89 -13.43
N LYS B 82 10.15 -13.62 -12.59
CA LYS B 82 10.24 -13.86 -11.16
C LYS B 82 8.88 -14.26 -10.61
N PHE B 83 8.90 -14.92 -9.45
CA PHE B 83 7.76 -14.99 -8.55
C PHE B 83 7.85 -13.83 -7.57
N GLN B 84 6.70 -13.28 -7.17
CA GLN B 84 6.70 -12.13 -6.25
C GLN B 84 6.32 -12.49 -4.82
N GLY B 85 5.99 -13.75 -4.54
CA GLY B 85 5.69 -14.18 -3.18
C GLY B 85 4.64 -15.27 -3.18
N PHE B 86 4.20 -15.63 -1.98
CA PHE B 86 3.14 -16.63 -1.85
C PHE B 86 2.34 -16.41 -0.58
N ALA B 87 1.09 -16.89 -0.61
CA ALA B 87 0.10 -16.57 0.41
C ALA B 87 -0.80 -17.78 0.62
N ARG B 88 -1.44 -17.84 1.79
CA ARG B 88 -2.37 -18.91 2.15
C ARG B 88 -3.79 -18.37 2.22
N LEU B 89 -4.74 -19.07 1.57
CA LEU B 89 -6.15 -18.68 1.70
C LEU B 89 -6.60 -18.78 3.15
N SER B 90 -7.24 -17.73 3.66
CA SER B 90 -7.89 -17.85 4.96
C SER B 90 -9.41 -17.92 4.86
N SER B 91 -9.95 -17.78 3.66
CA SER B 91 -11.40 -17.87 3.44
C SER B 91 -11.66 -18.39 2.04
N GLU B 92 -12.86 -18.94 1.86
CA GLU B 92 -13.46 -19.04 0.54
C GLU B 92 -13.77 -17.65 0.01
N SER B 93 -14.11 -17.57 -1.27
CA SER B 93 -14.46 -16.27 -1.83
C SER B 93 -15.79 -15.80 -1.26
N HIS B 94 -15.92 -14.49 -1.10
CA HIS B 94 -17.14 -13.92 -0.58
CA HIS B 94 -17.08 -13.85 -0.50
C HIS B 94 -17.49 -12.64 -1.33
N HIS B 95 -18.79 -12.45 -1.51
CA HIS B 95 -19.31 -11.32 -2.27
C HIS B 95 -19.89 -10.28 -1.34
N GLY B 96 -19.96 -9.05 -1.85
CA GLY B 96 -20.65 -7.98 -1.16
C GLY B 96 -19.90 -7.31 -0.03
N GLY B 97 -18.71 -7.79 0.33
CA GLY B 97 -17.93 -7.17 1.37
C GLY B 97 -17.36 -5.83 0.93
N SER B 98 -16.39 -5.31 1.68
CA SER B 98 -15.72 -4.08 1.30
C SER B 98 -15.15 -4.23 -0.10
N PRO B 99 -15.54 -3.37 -1.05
CA PRO B 99 -15.07 -3.56 -2.43
C PRO B 99 -13.58 -3.32 -2.55
N ILE B 100 -12.96 -4.07 -3.45
CA ILE B 100 -11.53 -3.95 -3.73
C ILE B 100 -11.39 -3.30 -5.10
N HIS B 101 -10.67 -2.18 -5.14
CA HIS B 101 -10.61 -1.37 -6.36
C HIS B 101 -9.40 -1.78 -7.20
N TRP B 102 -9.49 -2.99 -7.76
CA TRP B 102 -8.47 -3.47 -8.67
C TRP B 102 -8.34 -2.52 -9.86
N VAL B 103 -7.13 -2.47 -10.41
CA VAL B 103 -6.93 -1.84 -11.70
C VAL B 103 -7.46 -2.83 -12.73
N LEU B 104 -8.68 -2.61 -13.19
CA LEU B 104 -9.32 -3.54 -14.11
C LEU B 104 -8.71 -3.40 -15.50
N PRO B 105 -8.36 -4.50 -16.15
CA PRO B 105 -7.80 -4.41 -17.50
C PRO B 105 -8.91 -4.28 -18.54
N ALA B 106 -8.48 -4.03 -19.78
CA ALA B 106 -9.39 -3.65 -20.85
C ALA B 106 -10.54 -4.63 -20.99
N GLY B 107 -11.76 -4.11 -21.01
CA GLY B 107 -12.95 -4.91 -21.15
C GLY B 107 -13.44 -5.60 -19.89
N MET B 108 -12.73 -5.45 -18.78
CA MET B 108 -13.11 -6.09 -17.52
C MET B 108 -13.93 -5.13 -16.67
N SER B 109 -14.95 -5.67 -16.02
CA SER B 109 -15.75 -4.95 -15.04
C SER B 109 -15.72 -5.70 -13.72
N ALA B 110 -16.04 -4.97 -12.64
CA ALA B 110 -15.79 -5.49 -11.30
C ALA B 110 -16.51 -6.81 -11.04
N LYS B 111 -17.70 -6.97 -11.61
CA LYS B 111 -18.50 -8.16 -11.30
C LYS B 111 -17.86 -9.43 -11.85
N MET B 112 -17.07 -9.32 -12.91
CA MET B 112 -16.49 -10.50 -13.54
C MET B 112 -15.35 -11.10 -12.72
N LEU B 113 -14.89 -10.42 -11.68
CA LEU B 113 -13.87 -10.96 -10.79
C LEU B 113 -14.48 -11.67 -9.59
N GLY B 114 -15.78 -11.52 -9.39
CA GLY B 114 -16.50 -12.36 -8.44
C GLY B 114 -16.13 -12.09 -7.00
N GLY B 115 -15.95 -13.15 -6.26
CA GLY B 115 -15.72 -13.02 -4.84
C GLY B 115 -14.31 -12.57 -4.51
N VAL B 116 -14.17 -12.12 -3.28
CA VAL B 116 -12.87 -11.76 -2.72
C VAL B 116 -12.44 -12.88 -1.78
N PHE B 117 -11.23 -13.42 -2.01
CA PHE B 117 -10.57 -14.32 -1.06
C PHE B 117 -9.74 -13.49 -0.08
N LYS B 118 -9.89 -13.78 1.22
CA LYS B 118 -8.93 -13.26 2.19
C LYS B 118 -7.70 -14.17 2.19
N ILE B 119 -6.50 -13.57 2.17
CA ILE B 119 -5.25 -14.33 2.13
C ILE B 119 -4.25 -13.76 3.13
N ASP B 120 -3.44 -14.65 3.68
CA ASP B 120 -2.35 -14.31 4.60
C ASP B 120 -1.04 -14.55 3.85
N TRP B 121 -0.30 -13.47 3.59
CA TRP B 121 0.99 -13.61 2.92
C TRP B 121 1.98 -14.32 3.83
N ILE B 122 2.71 -15.27 3.24
CA ILE B 122 3.78 -15.95 3.94
C ILE B 122 5.14 -15.40 3.54
N CYS B 123 5.29 -14.96 2.30
CA CYS B 123 6.50 -14.32 1.82
C CYS B 123 6.10 -13.31 0.77
N ARG B 124 6.60 -12.08 0.89
CA ARG B 124 6.36 -11.05 -0.12
C ARG B 124 7.64 -10.68 -0.87
N ARG B 125 8.69 -11.46 -0.71
CA ARG B 125 9.97 -11.24 -1.39
C ARG B 125 10.02 -12.01 -2.70
N GLU B 126 10.82 -11.51 -3.64
CA GLU B 126 10.90 -12.10 -4.97
C GLU B 126 11.78 -13.35 -4.98
N LEU B 127 11.47 -14.25 -5.91
CA LEU B 127 12.30 -15.41 -6.21
C LEU B 127 12.46 -15.46 -7.73
N PRO B 128 13.67 -15.21 -8.26
CA PRO B 128 13.85 -15.28 -9.72
C PRO B 128 13.70 -16.71 -10.24
N PHE B 129 13.21 -16.82 -11.49
CA PHE B 129 13.07 -18.12 -12.13
C PHE B 129 14.40 -18.87 -12.20
N THR B 130 15.52 -18.14 -12.23
CA THR B 130 16.85 -18.77 -12.24
C THR B 130 17.14 -19.57 -10.97
N LYS B 131 16.35 -19.42 -9.92
CA LYS B 131 16.53 -20.22 -8.72
C LYS B 131 15.57 -21.40 -8.64
N SER B 132 14.60 -21.50 -9.55
CA SER B 132 13.65 -22.61 -9.56
C SER B 132 13.79 -23.49 -10.79
N ALA B 133 14.87 -23.34 -11.55
CA ALA B 133 15.03 -24.01 -12.84
C ALA B 133 15.15 -25.52 -12.71
N HIS B 134 15.50 -26.04 -11.55
CA HIS B 134 15.60 -27.48 -11.32
C HIS B 134 14.27 -28.13 -10.95
N LEU B 135 13.20 -27.36 -10.77
CA LEU B 135 11.91 -27.89 -10.32
C LEU B 135 10.92 -28.01 -11.47
N THR B 136 10.31 -29.18 -11.60
CA THR B 136 9.34 -29.46 -12.64
C THR B 136 8.03 -29.91 -12.00
N ASN B 137 6.90 -29.54 -12.62
CA ASN B 137 5.58 -29.82 -12.09
C ASN B 137 4.99 -31.05 -12.77
N PRO B 138 4.86 -32.19 -12.08
CA PRO B 138 4.28 -33.39 -12.73
C PRO B 138 2.87 -33.19 -13.26
N TRP B 139 2.09 -32.26 -12.70
CA TRP B 139 0.73 -32.03 -13.14
C TRP B 139 0.64 -31.02 -14.27
N ASN B 140 1.79 -30.58 -14.81
CA ASN B 140 1.83 -29.82 -16.06
C ASN B 140 2.89 -30.40 -16.97
N GLU B 141 2.79 -31.71 -17.22
CA GLU B 141 3.64 -32.43 -18.19
C GLU B 141 5.11 -32.37 -17.83
N HIS B 142 5.42 -32.22 -16.53
CA HIS B 142 6.79 -32.20 -16.02
C HIS B 142 7.59 -31.05 -16.63
N LYS B 143 6.90 -29.97 -16.98
CA LYS B 143 7.55 -28.73 -17.41
C LYS B 143 8.07 -27.96 -16.21
N PRO B 144 9.08 -27.11 -16.40
CA PRO B 144 9.55 -26.27 -15.29
C PRO B 144 8.39 -25.52 -14.62
N VAL B 145 8.46 -25.43 -13.28
CA VAL B 145 7.32 -24.94 -12.51
C VAL B 145 6.96 -23.50 -12.84
N LYS B 146 7.91 -22.71 -13.37
CA LYS B 146 7.61 -21.34 -13.81
C LYS B 146 6.57 -21.31 -14.92
N ILE B 147 6.44 -22.39 -15.68
CA ILE B 147 5.53 -22.44 -16.83
C ILE B 147 4.14 -22.82 -16.36
N GLY B 148 3.15 -22.00 -16.70
CA GLY B 148 1.77 -22.35 -16.46
C GLY B 148 0.81 -21.20 -16.67
N ARG B 149 -0.45 -21.52 -16.94
CA ARG B 149 -1.51 -20.52 -17.03
C ARG B 149 -1.94 -20.08 -15.64
N ASP B 150 -2.61 -18.93 -15.57
CA ASP B 150 -3.24 -18.51 -14.32
C ASP B 150 -4.12 -19.63 -13.77
N GLY B 151 -3.88 -20.01 -12.51
CA GLY B 151 -4.64 -21.06 -11.87
C GLY B 151 -4.08 -22.47 -11.99
N GLN B 152 -2.99 -22.65 -12.72
CA GLN B 152 -2.36 -23.97 -12.85
C GLN B 152 -2.06 -24.58 -11.48
N GLU B 153 -2.57 -25.78 -11.22
CA GLU B 153 -2.27 -26.43 -9.95
C GLU B 153 -0.88 -27.05 -9.97
N ILE B 154 -0.18 -26.96 -8.84
CA ILE B 154 1.17 -27.48 -8.71
C ILE B 154 1.14 -28.65 -7.73
N GLU B 155 1.74 -29.78 -8.14
CA GLU B 155 1.77 -30.97 -7.30
C GLU B 155 2.50 -30.71 -5.98
N LEU B 156 2.09 -31.45 -4.93
CA LEU B 156 2.47 -31.18 -3.54
C LEU B 156 3.98 -31.03 -3.34
N GLU B 157 4.78 -32.02 -3.75
CA GLU B 157 6.21 -31.95 -3.46
C GLU B 157 6.87 -30.82 -4.23
N CYS B 158 6.47 -30.62 -5.50
CA CYS B 158 7.04 -29.53 -6.28
C CYS B 158 6.68 -28.18 -5.66
N GLY B 159 5.41 -28.03 -5.27
CA GLY B 159 5.00 -26.77 -4.64
C GLY B 159 5.69 -26.52 -3.32
N THR B 160 5.89 -27.57 -2.53
CA THR B 160 6.57 -27.43 -1.24
C THR B 160 8.01 -26.99 -1.43
N GLN B 161 8.73 -27.64 -2.35
CA GLN B 161 10.11 -27.26 -2.60
C GLN B 161 10.20 -25.84 -3.16
N LEU B 162 9.24 -25.44 -4.01
CA LEU B 162 9.26 -24.08 -4.54
C LEU B 162 9.11 -23.05 -3.41
N CYS B 163 8.16 -23.29 -2.50
CA CYS B 163 7.95 -22.35 -1.39
C CYS B 163 9.18 -22.27 -0.50
N LEU B 164 9.89 -23.39 -0.33
CA LEU B 164 11.07 -23.41 0.53
C LEU B 164 12.24 -22.64 -0.08
N LEU B 165 12.20 -22.35 -1.39
CA LEU B 165 13.28 -21.60 -2.03
C LEU B 165 13.24 -20.11 -1.70
N PHE B 166 12.06 -19.60 -1.32
CA PHE B 166 11.95 -18.15 -1.08
C PHE B 166 12.79 -17.75 0.14
N PRO B 167 13.35 -16.53 0.13
CA PRO B 167 14.10 -16.05 1.30
C PRO B 167 13.17 -15.68 2.45
N PRO B 168 13.67 -15.67 3.68
CA PRO B 168 12.79 -15.32 4.80
C PRO B 168 12.34 -13.86 4.75
N ASP B 169 11.08 -13.63 5.09
CA ASP B 169 10.50 -12.30 5.05
C ASP B 169 10.38 -11.75 6.47
N GLU B 170 11.21 -10.76 6.79
CA GLU B 170 11.26 -10.14 8.12
C GLU B 170 9.99 -9.38 8.49
N SER B 171 9.12 -9.09 7.52
CA SER B 171 7.90 -8.33 7.78
C SER B 171 6.74 -9.24 8.18
N ILE B 172 6.93 -10.55 8.15
CA ILE B 172 5.85 -11.52 8.31
C ILE B 172 6.13 -12.43 9.50
N ASP B 173 5.07 -12.71 10.26
CA ASP B 173 5.09 -13.61 11.40
C ASP B 173 4.16 -14.77 11.07
N LEU B 174 4.72 -15.97 10.90
CA LEU B 174 3.90 -17.14 10.59
C LEU B 174 2.93 -17.52 11.70
N TYR B 175 3.01 -16.89 12.88
CA TYR B 175 2.21 -17.29 14.03
C TYR B 175 0.71 -17.23 13.77
N GLN B 176 0.23 -16.17 13.11
CA GLN B 176 -1.20 -16.05 12.88
C GLN B 176 -1.72 -17.16 11.97
N VAL B 177 -0.94 -17.54 10.95
CA VAL B 177 -1.37 -18.63 10.08
C VAL B 177 -1.44 -19.95 10.86
N ILE B 178 -0.38 -20.26 11.61
CA ILE B 178 -0.39 -21.51 12.36
C ILE B 178 -1.55 -21.53 13.34
N HIS B 179 -1.88 -20.39 13.93
CA HIS B 179 -2.97 -20.32 14.90
C HIS B 179 -4.33 -20.61 14.26
N LYS B 180 -4.53 -20.26 12.99
CA LYS B 180 -5.84 -20.45 12.36
C LYS B 180 -5.93 -21.73 11.52
N MET B 181 -4.95 -22.63 11.64
CA MET B 181 -5.06 -23.93 10.99
C MET B 181 -5.76 -24.93 11.91
S SO4 C . -13.31 14.73 20.11
O1 SO4 C . -12.16 14.83 21.02
O2 SO4 C . -13.57 13.31 19.85
O3 SO4 C . -14.48 15.37 20.67
O4 SO4 C . -12.92 15.36 18.84
S SO4 D . -0.58 13.28 -9.12
O1 SO4 D . -0.15 13.90 -7.85
O2 SO4 D . -1.33 12.06 -8.83
O3 SO4 D . 0.58 12.94 -9.93
O4 SO4 D . -1.45 14.21 -9.87
S SO4 E . -0.04 37.59 -3.92
O1 SO4 E . -1.21 37.52 -3.06
O2 SO4 E . 0.20 36.29 -4.54
O3 SO4 E . 1.13 37.97 -3.12
O4 SO4 E . -0.25 38.59 -4.96
S2 MZY F . 10.54 22.86 -1.86
C2 MZY F . 10.99 23.30 -0.12
N3 MZY F . 12.13 23.86 -0.01
C3A MZY F . 12.02 24.54 1.33
C1A MZY F . 10.57 25.03 1.36
N1 MZY F . 9.94 24.29 0.57
S SO4 G . 12.64 -8.28 -2.20
O1 SO4 G . 13.51 -9.31 -1.62
O2 SO4 G . 11.82 -7.70 -1.15
O3 SO4 G . 11.77 -8.86 -3.22
O4 SO4 G . 13.46 -7.23 -2.81
S SO4 H . -20.96 -15.53 -0.86
O1 SO4 H . -19.75 -16.22 -0.43
O2 SO4 H . -22.12 -16.09 -0.17
O3 SO4 H . -20.86 -14.11 -0.53
O4 SO4 H . -21.14 -15.69 -2.30
S SO4 I . -4.01 -16.77 -18.55
O1 SO4 I . -2.85 -17.14 -17.73
O2 SO4 I . -4.33 -17.87 -19.45
O3 SO4 I . -5.15 -16.46 -17.68
O4 SO4 I . -3.68 -15.58 -19.32
S2 MZY J . -7.40 -11.99 -12.40
C2 MZY J . -6.67 -10.68 -11.32
N3 MZY J . -6.76 -9.49 -11.78
C3A MZY J . -6.52 -8.63 -10.55
C1A MZY J . -7.19 -9.44 -9.44
N1 MZY J . -7.34 -10.62 -9.89
#